data_6TV1
#
_entry.id   6TV1
#
_cell.length_a   91.030
_cell.length_b   91.030
_cell.length_c   124.510
_cell.angle_alpha   90.000
_cell.angle_beta   90.000
_cell.angle_gamma   90.000
#
_symmetry.space_group_name_H-M   'P 43 21 2'
#
loop_
_entity.id
_entity.type
_entity.pdbx_description
1 polymer 'EssC protein'
2 non-polymer GLYCEROL
3 water water
#
_entity_poly.entity_id   1
_entity_poly.type   'polypeptide(L)'
_entity_poly.pdbx_seq_one_letter_code
;SPMMPDEIKYEDYRESLNLPDIVANGALPIGLDYEGVTLQKIKLTEPAMISSENPREIAHIAEIMMKEIDILNEKYAICI
ADSSGEFKAYRHQVANFAEEREDIKAIHQLMIEDLKQREMDGPFEKDSLYIINDFKTFIDCTYIPEDDVKKLITKGPELG
LNILFVGIHKELIDAYDKQIDVARKMINQFSIGIRISDQQFFKFRFIQREPVIKENEAYMVANQAYQKIRWFK
;
_entity_poly.pdbx_strand_id   A
#
loop_
_chem_comp.id
_chem_comp.type
_chem_comp.name
_chem_comp.formula
GOL non-polymer GLYCEROL 'C3 H8 O3'
#
# COMPACT_ATOMS: atom_id res chain seq x y z
N SER A 1 6.06 -20.81 -22.98
CA SER A 1 4.91 -19.91 -22.83
C SER A 1 4.14 -20.17 -21.52
N PRO A 2 4.64 -19.67 -20.41
CA PRO A 2 4.01 -19.95 -19.12
C PRO A 2 2.60 -19.36 -19.04
N MET A 3 1.72 -20.08 -18.36
CA MET A 3 0.39 -19.59 -18.08
CA MET A 3 0.36 -19.65 -18.09
C MET A 3 0.08 -19.75 -16.60
N MET A 4 -0.82 -18.92 -16.12
CA MET A 4 -1.08 -18.85 -14.68
C MET A 4 -1.57 -20.20 -14.17
N PRO A 5 -1.00 -20.73 -13.08
CA PRO A 5 -1.57 -21.94 -12.48
C PRO A 5 -3.01 -21.70 -12.03
N ASP A 6 -3.75 -22.80 -11.91
CA ASP A 6 -5.14 -22.71 -11.50
CA ASP A 6 -5.15 -22.71 -11.49
C ASP A 6 -5.28 -21.97 -10.17
N GLU A 7 -4.42 -22.30 -9.20
CA GLU A 7 -4.39 -21.62 -7.90
C GLU A 7 -2.97 -21.22 -7.60
N ILE A 8 -2.78 -20.04 -7.01
CA ILE A 8 -1.46 -19.57 -6.61
C ILE A 8 -1.51 -19.18 -5.12
N LYS A 9 -1.27 -20.16 -4.25
CA LYS A 9 -1.39 -19.92 -2.81
C LYS A 9 -0.12 -19.31 -2.25
N TYR A 10 -0.28 -18.26 -1.44
CA TYR A 10 0.87 -17.62 -0.80
C TYR A 10 1.69 -18.65 -0.02
N GLU A 11 1.03 -19.55 0.66
CA GLU A 11 1.74 -20.49 1.53
C GLU A 11 2.71 -21.37 0.72
N ASP A 12 2.43 -21.60 -0.56
CA ASP A 12 3.36 -22.39 -1.38
C ASP A 12 4.50 -21.53 -1.92
N TYR A 13 4.16 -20.38 -2.52
CA TYR A 13 5.17 -19.54 -3.14
C TYR A 13 6.10 -18.91 -2.11
N ARG A 14 5.61 -18.73 -0.89
CA ARG A 14 6.47 -18.27 0.20
C ARG A 14 7.70 -19.15 0.31
N GLU A 15 7.53 -20.45 0.11
CA GLU A 15 8.61 -21.40 0.25
C GLU A 15 9.42 -21.54 -1.04
N SER A 16 8.74 -21.71 -2.18
CA SER A 16 9.44 -21.96 -3.43
CA SER A 16 9.45 -21.96 -3.44
C SER A 16 10.18 -20.72 -3.93
N LEU A 17 9.70 -19.52 -3.61
CA LEU A 17 10.33 -18.29 -4.06
C LEU A 17 11.02 -17.52 -2.94
N ASN A 18 11.16 -18.10 -1.75
CA ASN A 18 11.71 -17.47 -0.56
CA ASN A 18 11.78 -17.43 -0.62
C ASN A 18 11.22 -16.03 -0.41
N LEU A 19 9.90 -15.91 -0.30
CA LEU A 19 9.29 -14.59 -0.19
C LEU A 19 9.71 -13.81 1.05
N PRO A 20 10.00 -14.42 2.21
CA PRO A 20 10.53 -13.60 3.31
C PRO A 20 11.76 -12.82 2.94
N ASP A 21 12.60 -13.35 2.05
CA ASP A 21 13.80 -12.61 1.64
CA ASP A 21 13.80 -12.62 1.63
C ASP A 21 13.45 -11.42 0.76
N ILE A 22 12.32 -11.49 0.04
CA ILE A 22 11.89 -10.33 -0.74
C ILE A 22 11.54 -9.18 0.19
N VAL A 23 10.78 -9.50 1.25
CA VAL A 23 10.44 -8.47 2.24
C VAL A 23 11.70 -7.94 2.91
N ALA A 24 12.65 -8.82 3.24
CA ALA A 24 13.90 -8.39 3.88
C ALA A 24 14.67 -7.42 2.99
N ASN A 25 14.43 -7.45 1.68
CA ASN A 25 15.14 -6.58 0.75
C ASN A 25 14.27 -5.43 0.25
N GLY A 26 13.14 -5.18 0.89
CA GLY A 26 12.42 -3.94 0.70
C GLY A 26 11.24 -3.96 -0.25
N ALA A 27 10.56 -5.09 -0.42
CA ALA A 27 9.36 -5.11 -1.25
C ALA A 27 8.36 -6.13 -0.73
N LEU A 28 7.08 -5.88 -0.99
CA LEU A 28 6.02 -6.82 -0.65
C LEU A 28 5.71 -7.69 -1.85
N PRO A 29 5.91 -9.01 -1.76
CA PRO A 29 5.54 -9.90 -2.88
C PRO A 29 4.04 -10.16 -2.85
N ILE A 30 3.34 -9.72 -3.89
CA ILE A 30 1.88 -9.74 -3.85
C ILE A 30 1.25 -10.76 -4.79
N GLY A 31 1.93 -11.18 -5.85
CA GLY A 31 1.30 -12.12 -6.77
C GLY A 31 2.16 -12.37 -7.99
N LEU A 32 1.49 -12.80 -9.07
CA LEU A 32 2.16 -13.16 -10.31
C LEU A 32 1.46 -12.47 -11.48
N ASP A 33 2.23 -12.13 -12.51
CA ASP A 33 1.59 -11.53 -13.69
C ASP A 33 1.15 -12.60 -14.68
N TYR A 34 0.08 -12.29 -15.43
CA TYR A 34 -0.41 -13.25 -16.42
C TYR A 34 0.54 -13.39 -17.59
N GLU A 35 1.22 -12.32 -18.00
CA GLU A 35 2.07 -12.41 -19.19
C GLU A 35 3.21 -13.39 -18.99
N GLY A 36 3.98 -13.23 -17.92
CA GLY A 36 5.17 -14.03 -17.73
C GLY A 36 5.14 -14.99 -16.55
N VAL A 37 4.10 -14.93 -15.71
CA VAL A 37 3.98 -15.72 -14.50
C VAL A 37 5.23 -15.51 -13.64
N THR A 38 5.57 -14.24 -13.42
CA THR A 38 6.71 -13.84 -12.61
C THR A 38 6.24 -13.05 -11.40
N LEU A 39 7.09 -13.00 -10.38
CA LEU A 39 6.75 -12.38 -9.11
C LEU A 39 6.53 -10.88 -9.26
N GLN A 40 5.38 -10.42 -8.75
CA GLN A 40 5.01 -9.01 -8.70
C GLN A 40 5.19 -8.49 -7.28
N LYS A 41 5.73 -7.27 -7.17
CA LYS A 41 6.13 -6.71 -5.88
C LYS A 41 5.67 -5.27 -5.77
N ILE A 42 5.32 -4.87 -4.55
CA ILE A 42 5.16 -3.46 -4.20
C ILE A 42 6.43 -3.03 -3.51
N LYS A 43 7.15 -2.08 -4.11
CA LYS A 43 8.38 -1.61 -3.49
C LYS A 43 8.06 -0.80 -2.23
N LEU A 44 8.74 -1.12 -1.14
CA LEU A 44 8.59 -0.36 0.10
C LEU A 44 9.51 0.84 0.16
N THR A 45 10.18 1.16 -0.93
CA THR A 45 11.10 2.29 -1.05
C THR A 45 10.46 3.48 -1.76
N GLU A 46 9.21 3.36 -2.20
CA GLU A 46 8.48 4.48 -2.76
C GLU A 46 7.00 4.27 -2.51
N PRO A 47 6.20 5.33 -2.52
CA PRO A 47 4.79 5.18 -2.18
C PRO A 47 4.04 4.34 -3.18
N ALA A 48 2.89 3.82 -2.74
CA ALA A 48 2.01 3.05 -3.60
C ALA A 48 0.58 3.31 -3.19
N MET A 49 -0.33 3.16 -4.15
CA MET A 49 -1.76 3.12 -3.86
CA MET A 49 -1.77 3.13 -3.90
C MET A 49 -2.29 1.77 -4.33
N ILE A 50 -3.04 1.12 -3.44
CA ILE A 50 -3.54 -0.25 -3.65
C ILE A 50 -5.04 -0.19 -3.48
N SER A 51 -5.77 -0.42 -4.56
CA SER A 51 -7.22 -0.26 -4.55
C SER A 51 -7.91 -1.54 -4.98
N SER A 52 -9.18 -1.62 -4.62
CA SER A 52 -10.03 -2.67 -5.15
C SER A 52 -11.44 -2.13 -5.26
N GLU A 53 -12.20 -2.68 -6.21
CA GLU A 53 -13.59 -2.26 -6.38
C GLU A 53 -14.49 -2.82 -5.29
N ASN A 54 -14.07 -3.88 -4.62
CA ASN A 54 -14.90 -4.64 -3.70
C ASN A 54 -14.33 -4.58 -2.29
N PRO A 55 -15.12 -4.20 -1.28
CA PRO A 55 -14.60 -4.12 0.10
C PRO A 55 -14.07 -5.42 0.65
N ARG A 56 -14.63 -6.57 0.26
CA ARG A 56 -14.11 -7.84 0.75
C ARG A 56 -12.70 -8.09 0.25
N GLU A 57 -12.32 -7.51 -0.89
CA GLU A 57 -10.97 -7.72 -1.39
CA GLU A 57 -10.97 -7.70 -1.39
C GLU A 57 -9.94 -6.95 -0.56
N ILE A 58 -10.36 -5.85 0.10
CA ILE A 58 -9.43 -5.12 0.96
C ILE A 58 -8.94 -6.02 2.09
N ALA A 59 -9.83 -6.86 2.65
CA ALA A 59 -9.40 -7.78 3.70
C ALA A 59 -8.33 -8.72 3.21
N HIS A 60 -8.46 -9.21 1.98
CA HIS A 60 -7.44 -10.10 1.45
C HIS A 60 -6.14 -9.37 1.16
N ILE A 61 -6.23 -8.14 0.65
CA ILE A 61 -5.03 -7.32 0.43
C ILE A 61 -4.25 -7.18 1.73
N ALA A 62 -4.94 -6.86 2.82
CA ALA A 62 -4.29 -6.71 4.12
C ALA A 62 -3.62 -8.01 4.54
N GLU A 63 -4.31 -9.13 4.33
CA GLU A 63 -3.74 -10.43 4.69
C GLU A 63 -2.45 -10.72 3.93
N ILE A 64 -2.41 -10.41 2.64
CA ILE A 64 -1.19 -10.67 1.86
C ILE A 64 -0.08 -9.69 2.24
N MET A 65 -0.42 -8.40 2.43
CA MET A 65 0.60 -7.40 2.76
C MET A 65 1.34 -7.75 4.05
N MET A 66 0.62 -8.27 5.04
CA MET A 66 1.17 -8.45 6.38
C MET A 66 1.73 -9.84 6.63
N LYS A 67 1.90 -10.66 5.57
CA LYS A 67 2.30 -12.06 5.75
C LYS A 67 3.57 -12.22 6.56
N GLU A 68 4.60 -11.45 6.24
CA GLU A 68 5.91 -11.66 6.87
C GLU A 68 6.15 -10.63 7.97
N ILE A 69 5.23 -10.66 8.94
CA ILE A 69 5.15 -9.61 9.95
C ILE A 69 6.43 -9.55 10.79
N ASP A 70 7.14 -10.68 10.96
CA ASP A 70 8.38 -10.61 11.73
C ASP A 70 9.47 -9.86 10.96
N ILE A 71 9.61 -10.13 9.66
CA ILE A 71 10.58 -9.38 8.86
C ILE A 71 10.18 -7.92 8.76
N LEU A 72 8.89 -7.64 8.56
CA LEU A 72 8.44 -6.25 8.50
C LEU A 72 8.84 -5.48 9.76
N ASN A 73 8.65 -6.08 10.94
CA ASN A 73 9.01 -5.38 12.17
C ASN A 73 10.52 -5.29 12.37
N GLU A 74 11.28 -6.21 11.79
CA GLU A 74 12.74 -6.11 11.84
CA GLU A 74 12.73 -6.12 11.84
C GLU A 74 13.23 -4.89 11.06
N LYS A 75 12.60 -4.59 9.93
CA LYS A 75 13.06 -3.55 9.02
C LYS A 75 12.34 -2.21 9.18
N TYR A 76 11.11 -2.21 9.70
CA TYR A 76 10.27 -1.02 9.68
C TYR A 76 9.67 -0.77 11.04
N ALA A 77 9.51 0.51 11.36
CA ALA A 77 8.56 0.96 12.37
C ALA A 77 7.23 1.17 11.66
N ILE A 78 6.25 0.31 11.93
CA ILE A 78 5.00 0.27 11.17
C ILE A 78 3.92 1.03 11.92
N CYS A 79 3.25 1.95 11.23
CA CYS A 79 2.13 2.69 11.79
CA CYS A 79 2.13 2.71 11.79
C CYS A 79 0.95 2.56 10.86
N ILE A 80 -0.18 2.08 11.39
CA ILE A 80 -1.37 1.83 10.58
C ILE A 80 -2.48 2.74 11.03
N ALA A 81 -3.03 3.51 10.09
CA ALA A 81 -4.23 4.31 10.30
C ALA A 81 -5.35 3.55 9.60
N ASP A 82 -6.13 2.80 10.38
CA ASP A 82 -7.10 1.87 9.80
C ASP A 82 -8.49 2.33 10.21
N SER A 83 -9.15 3.08 9.32
CA SER A 83 -10.50 3.59 9.52
C SER A 83 -11.56 2.59 9.12
N SER A 84 -11.19 1.38 8.81
CA SER A 84 -12.14 0.41 8.28
C SER A 84 -12.10 -0.93 9.01
N GLY A 85 -10.92 -1.43 9.35
CA GLY A 85 -10.80 -2.61 10.19
C GLY A 85 -10.06 -3.78 9.57
N GLU A 86 -9.73 -3.74 8.28
CA GLU A 86 -9.11 -4.90 7.63
C GLU A 86 -7.72 -5.22 8.18
N PHE A 87 -7.07 -4.29 8.89
CA PHE A 87 -5.75 -4.57 9.48
C PHE A 87 -5.81 -4.86 10.99
N LYS A 88 -7.01 -4.96 11.57
N LYS A 88 -7.01 -4.96 11.57
CA LYS A 88 -7.14 -5.09 13.02
CA LYS A 88 -7.15 -5.11 13.01
C LYS A 88 -6.52 -6.38 13.57
C LYS A 88 -6.45 -6.35 13.55
N ALA A 89 -6.37 -7.41 12.73
CA ALA A 89 -5.75 -8.65 13.18
C ALA A 89 -4.27 -8.49 13.51
N TYR A 90 -3.64 -7.38 13.09
CA TYR A 90 -2.24 -7.12 13.36
C TYR A 90 -2.05 -5.93 14.31
N ARG A 91 -3.10 -5.52 15.01
CA ARG A 91 -3.03 -4.26 15.75
C ARG A 91 -2.00 -4.30 16.88
N HIS A 92 -1.71 -5.48 17.44
CA HIS A 92 -0.72 -5.61 18.50
C HIS A 92 0.67 -5.90 17.98
N GLN A 93 0.85 -5.89 16.67
CA GLN A 93 2.09 -6.31 16.04
C GLN A 93 2.68 -5.20 15.17
N VAL A 94 2.28 -3.96 15.44
CA VAL A 94 2.85 -2.80 14.78
C VAL A 94 3.23 -1.79 15.86
N ALA A 95 4.05 -0.80 15.49
CA ALA A 95 4.47 0.21 16.45
C ALA A 95 3.29 1.08 16.89
N ASN A 96 2.39 1.39 15.96
CA ASN A 96 1.23 2.20 16.31
CA ASN A 96 1.23 2.22 16.28
C ASN A 96 0.05 1.79 15.43
N PHE A 97 -1.09 1.55 16.06
CA PHE A 97 -2.32 1.21 15.37
C PHE A 97 -3.38 2.20 15.79
N ALA A 98 -3.92 2.95 14.84
CA ALA A 98 -4.91 3.99 15.12
C ALA A 98 -6.19 3.68 14.38
N GLU A 99 -7.30 3.65 15.11
CA GLU A 99 -8.60 3.47 14.47
C GLU A 99 -9.60 4.54 14.91
N GLU A 100 -9.44 5.09 16.11
CA GLU A 100 -10.32 6.17 16.56
CA GLU A 100 -10.30 6.17 16.59
C GLU A 100 -9.90 7.50 15.95
N ARG A 101 -10.88 8.39 15.81
CA ARG A 101 -10.66 9.65 15.09
CA ARG A 101 -10.67 9.65 15.11
C ARG A 101 -9.48 10.42 15.66
N GLU A 102 -9.41 10.57 16.99
CA GLU A 102 -8.33 11.34 17.59
C GLU A 102 -6.98 10.66 17.39
N ASP A 103 -6.95 9.33 17.37
CA ASP A 103 -5.68 8.63 17.16
C ASP A 103 -5.22 8.75 15.70
N ILE A 104 -6.17 8.74 14.76
CA ILE A 104 -5.78 8.93 13.36
C ILE A 104 -5.30 10.35 13.14
N LYS A 105 -5.93 11.33 13.78
CA LYS A 105 -5.44 12.70 13.72
C LYS A 105 -3.99 12.78 14.19
N ALA A 106 -3.65 12.03 15.25
CA ALA A 106 -2.30 12.05 15.77
C ALA A 106 -1.29 11.46 14.79
N ILE A 107 -1.72 10.59 13.87
CA ILE A 107 -0.81 10.02 12.89
C ILE A 107 -0.30 11.10 11.95
N HIS A 108 -1.15 12.06 11.59
CA HIS A 108 -0.69 13.18 10.77
C HIS A 108 0.48 13.90 11.43
N GLN A 109 0.33 14.29 12.69
CA GLN A 109 1.41 14.97 13.39
CA GLN A 109 1.41 14.98 13.38
C GLN A 109 2.63 14.08 13.51
N LEU A 110 2.42 12.79 13.77
CA LEU A 110 3.53 11.85 13.85
C LEU A 110 4.31 11.79 12.54
N MET A 111 3.60 11.68 11.41
CA MET A 111 4.28 11.59 10.12
C MET A 111 5.14 12.81 9.86
N ILE A 112 4.60 13.99 10.15
CA ILE A 112 5.35 15.23 9.93
C ILE A 112 6.54 15.33 10.87
N GLU A 113 6.36 14.97 12.14
CA GLU A 113 7.49 15.01 13.07
CA GLU A 113 7.48 15.00 13.08
C GLU A 113 8.55 13.99 12.69
N ASP A 114 8.12 12.81 12.23
CA ASP A 114 9.02 11.78 11.73
C ASP A 114 9.85 12.30 10.55
N LEU A 115 9.16 12.85 9.56
CA LEU A 115 9.83 13.39 8.38
C LEU A 115 10.81 14.49 8.76
N LYS A 116 10.40 15.37 9.68
CA LYS A 116 11.24 16.48 10.13
C LYS A 116 12.51 15.99 10.83
N GLN A 117 12.36 15.03 11.74
CA GLN A 117 13.54 14.52 12.45
C GLN A 117 14.48 13.80 11.50
N ARG A 118 13.95 13.08 10.52
CA ARG A 118 14.81 12.42 9.55
C ARG A 118 15.57 13.43 8.71
N GLU A 119 14.93 14.55 8.35
CA GLU A 119 15.63 15.56 7.56
C GLU A 119 16.72 16.23 8.38
N MET A 120 16.46 16.46 9.67
CA MET A 120 17.43 17.17 10.50
C MET A 120 18.56 16.26 10.96
N ASP A 121 18.22 15.08 11.47
CA ASP A 121 19.18 14.22 12.13
C ASP A 121 19.57 13.00 11.30
N GLY A 122 18.92 12.75 10.18
CA GLY A 122 19.25 11.60 9.36
C GLY A 122 18.27 10.47 9.56
N PRO A 123 18.20 9.55 8.59
CA PRO A 123 17.30 8.41 8.71
C PRO A 123 17.57 7.60 9.97
N PHE A 124 16.50 7.03 10.51
CA PHE A 124 16.61 6.14 11.67
C PHE A 124 17.11 4.76 11.21
N GLU A 125 17.49 3.96 12.20
CA GLU A 125 17.99 2.62 11.91
C GLU A 125 16.95 1.80 11.15
N LYS A 126 15.68 1.97 11.48
CA LYS A 126 14.59 1.34 10.74
CA LYS A 126 14.60 1.33 10.74
C LYS A 126 13.86 2.39 9.93
N ASP A 127 13.44 2.01 8.73
CA ASP A 127 12.55 2.88 7.96
C ASP A 127 11.21 2.97 8.66
N SER A 128 10.47 4.04 8.37
CA SER A 128 9.09 4.17 8.81
C SER A 128 8.18 3.69 7.70
N LEU A 129 7.16 2.92 8.06
CA LEU A 129 6.18 2.45 7.09
C LEU A 129 4.79 2.82 7.59
N TYR A 130 4.15 3.80 6.94
CA TYR A 130 2.79 4.19 7.27
C TYR A 130 1.84 3.52 6.30
N ILE A 131 0.86 2.81 6.84
CA ILE A 131 -0.19 2.18 6.04
C ILE A 131 -1.49 2.91 6.36
N ILE A 132 -2.07 3.54 5.37
CA ILE A 132 -3.32 4.26 5.53
C ILE A 132 -4.39 3.45 4.83
N ASN A 133 -5.29 2.85 5.61
CA ASN A 133 -6.41 2.09 5.06
C ASN A 133 -7.64 3.00 5.12
N ASP A 134 -8.15 3.37 3.94
CA ASP A 134 -9.23 4.34 3.74
C ASP A 134 -8.65 5.75 3.87
N PHE A 135 -8.08 6.25 2.76
CA PHE A 135 -7.49 7.57 2.72
C PHE A 135 -8.56 8.66 2.84
N LYS A 136 -9.75 8.37 2.33
CA LYS A 136 -10.85 9.32 2.44
CA LYS A 136 -10.87 9.31 2.44
C LYS A 136 -11.16 9.63 3.90
N THR A 137 -11.29 8.60 4.74
CA THR A 137 -11.54 8.85 6.16
C THR A 137 -10.32 9.44 6.85
N PHE A 138 -9.11 9.04 6.44
CA PHE A 138 -7.90 9.67 6.97
C PHE A 138 -7.95 11.18 6.76
N ILE A 139 -8.31 11.60 5.55
CA ILE A 139 -8.47 13.03 5.27
C ILE A 139 -9.55 13.64 6.16
N ASP A 140 -10.66 12.91 6.36
CA ASP A 140 -11.73 13.44 7.19
CA ASP A 140 -11.75 13.40 7.21
C ASP A 140 -11.29 13.66 8.63
N CYS A 141 -10.34 12.87 9.13
CA CYS A 141 -9.88 12.98 10.50
C CYS A 141 -8.77 14.01 10.67
N THR A 142 -7.95 14.21 9.64
CA THR A 142 -6.72 14.99 9.76
C THR A 142 -6.77 16.33 9.06
N TYR A 143 -7.55 16.44 7.98
CA TYR A 143 -7.45 17.57 7.05
C TYR A 143 -5.99 17.82 6.66
N ILE A 144 -5.23 16.73 6.45
CA ILE A 144 -3.82 16.87 6.12
C ILE A 144 -3.67 17.76 4.88
N PRO A 145 -2.92 18.85 4.94
CA PRO A 145 -2.81 19.75 3.78
C PRO A 145 -2.20 19.05 2.58
N GLU A 146 -2.65 19.44 1.39
CA GLU A 146 -2.12 18.81 0.18
C GLU A 146 -0.61 18.98 0.06
N ASP A 147 -0.06 20.09 0.58
CA ASP A 147 1.40 20.27 0.54
C ASP A 147 2.11 19.38 1.54
N ASP A 148 1.44 19.00 2.64
CA ASP A 148 2.04 18.00 3.53
C ASP A 148 2.09 16.64 2.84
N VAL A 149 1.03 16.27 2.13
CA VAL A 149 1.03 15.04 1.35
C VAL A 149 2.16 15.08 0.32
N LYS A 150 2.29 16.22 -0.38
CA LYS A 150 3.33 16.34 -1.39
C LYS A 150 4.71 16.13 -0.79
N LYS A 151 5.00 16.79 0.34
CA LYS A 151 6.34 16.68 0.90
CA LYS A 151 6.34 16.69 0.92
C LYS A 151 6.60 15.29 1.47
N LEU A 152 5.58 14.64 2.03
CA LEU A 152 5.79 13.26 2.51
C LEU A 152 6.12 12.33 1.36
N ILE A 153 5.46 12.49 0.21
CA ILE A 153 5.69 11.63 -0.94
C ILE A 153 7.04 11.93 -1.59
N THR A 154 7.40 13.21 -1.72
CA THR A 154 8.64 13.58 -2.42
CA THR A 154 8.64 13.54 -2.44
C THR A 154 9.87 13.38 -1.56
N LYS A 155 9.82 13.78 -0.30
CA LYS A 155 10.99 13.74 0.57
C LYS A 155 11.13 12.44 1.32
N GLY A 156 10.01 11.79 1.63
CA GLY A 156 10.00 10.63 2.50
C GLY A 156 10.94 9.52 2.09
N PRO A 157 10.80 9.02 0.85
CA PRO A 157 11.57 7.82 0.47
C PRO A 157 13.07 7.98 0.65
N GLU A 158 13.65 9.10 0.24
CA GLU A 158 15.09 9.29 0.42
C GLU A 158 15.47 9.39 1.89
N LEU A 159 14.53 9.76 2.76
CA LEU A 159 14.78 9.87 4.19
C LEU A 159 14.41 8.60 4.94
N GLY A 160 13.91 7.57 4.26
CA GLY A 160 13.51 6.35 4.93
C GLY A 160 12.10 6.35 5.48
N LEU A 161 11.20 7.17 4.95
CA LEU A 161 9.81 7.22 5.38
C LEU A 161 8.94 6.88 4.18
N ASN A 162 8.13 5.84 4.29
CA ASN A 162 7.34 5.32 3.20
CA ASN A 162 7.32 5.41 3.17
C ASN A 162 5.86 5.27 3.58
N ILE A 163 4.97 5.45 2.60
CA ILE A 163 3.54 5.42 2.83
CA ILE A 163 3.54 5.43 2.83
C ILE A 163 2.88 4.52 1.79
N LEU A 164 1.97 3.67 2.25
CA LEU A 164 1.13 2.84 1.40
C LEU A 164 -0.32 3.25 1.64
N PHE A 165 -1.04 3.59 0.56
CA PHE A 165 -2.45 3.96 0.66
C PHE A 165 -3.30 2.80 0.15
N VAL A 166 -4.28 2.38 0.96
CA VAL A 166 -5.13 1.22 0.65
C VAL A 166 -6.59 1.64 0.75
N GLY A 167 -7.42 1.18 -0.20
CA GLY A 167 -8.83 1.53 -0.12
C GLY A 167 -9.63 1.08 -1.33
N ILE A 168 -10.94 1.36 -1.24
CA ILE A 168 -11.86 1.17 -2.35
C ILE A 168 -11.56 2.15 -3.45
N HIS A 169 -11.61 1.69 -4.71
CA HIS A 169 -11.06 2.51 -5.79
C HIS A 169 -11.79 3.84 -5.92
N LYS A 170 -13.11 3.84 -5.80
CA LYS A 170 -13.85 5.09 -5.93
C LYS A 170 -13.61 6.02 -4.74
N GLU A 171 -13.11 5.49 -3.62
CA GLU A 171 -12.77 6.30 -2.46
C GLU A 171 -11.28 6.59 -2.36
N LEU A 172 -10.48 6.04 -3.25
CA LEU A 172 -9.04 6.13 -3.08
C LEU A 172 -8.34 6.80 -4.25
N ILE A 173 -8.76 6.51 -5.48
CA ILE A 173 -8.08 6.99 -6.67
C ILE A 173 -9.00 7.85 -7.52
N ASP A 174 -10.24 7.39 -7.74
CA ASP A 174 -11.20 8.13 -8.53
C ASP A 174 -12.02 9.11 -7.70
N ALA A 175 -11.62 9.38 -6.48
CA ALA A 175 -12.24 10.49 -5.74
C ALA A 175 -11.58 11.79 -6.16
N TYR A 176 -12.27 12.90 -5.91
CA TYR A 176 -11.68 14.19 -6.27
C TYR A 176 -11.28 15.02 -5.06
N ASP A 177 -11.24 14.44 -3.86
CA ASP A 177 -10.63 15.13 -2.72
C ASP A 177 -9.23 15.59 -3.12
N LYS A 178 -8.89 16.83 -2.75
CA LYS A 178 -7.65 17.45 -3.21
C LYS A 178 -6.43 16.56 -2.92
N GLN A 179 -6.35 16.01 -1.70
CA GLN A 179 -5.16 15.26 -1.31
C GLN A 179 -5.04 13.94 -2.07
N ILE A 180 -6.19 13.38 -2.46
CA ILE A 180 -6.19 12.17 -3.28
C ILE A 180 -5.68 12.50 -4.67
N ASP A 181 -6.13 13.61 -5.24
CA ASP A 181 -5.65 14.02 -6.55
CA ASP A 181 -5.65 14.02 -6.55
C ASP A 181 -4.14 14.20 -6.55
N VAL A 182 -3.62 14.84 -5.50
CA VAL A 182 -2.17 15.04 -5.39
C VAL A 182 -1.46 13.69 -5.30
N ALA A 183 -1.95 12.80 -4.44
CA ALA A 183 -1.29 11.51 -4.27
C ALA A 183 -1.27 10.71 -5.58
N ARG A 184 -2.41 10.65 -6.28
CA ARG A 184 -2.48 9.81 -7.46
C ARG A 184 -1.60 10.36 -8.59
N LYS A 185 -1.41 11.68 -8.64
CA LYS A 185 -0.56 12.26 -9.66
C LYS A 185 0.93 12.11 -9.36
N MET A 186 1.30 11.98 -8.09
CA MET A 186 2.72 11.89 -7.73
CA MET A 186 2.71 11.89 -7.70
C MET A 186 3.21 10.47 -7.55
N ILE A 187 2.34 9.54 -7.33
CA ILE A 187 2.72 8.15 -7.09
C ILE A 187 2.92 7.43 -8.41
N ASN A 188 3.89 6.50 -8.45
CA ASN A 188 4.22 5.81 -9.68
C ASN A 188 4.14 4.30 -9.51
N GLN A 189 3.34 3.84 -8.56
CA GLN A 189 3.23 2.43 -8.26
C GLN A 189 1.81 2.16 -7.76
N PHE A 190 1.05 1.37 -8.52
CA PHE A 190 -0.35 1.12 -8.20
C PHE A 190 -0.68 -0.35 -8.43
N SER A 191 -1.54 -0.89 -7.57
CA SER A 191 -2.25 -2.15 -7.86
C SER A 191 -3.73 -1.81 -7.83
N ILE A 192 -4.39 -1.98 -8.97
CA ILE A 192 -5.75 -1.50 -9.19
C ILE A 192 -6.66 -2.70 -9.40
N GLY A 193 -7.55 -2.96 -8.44
CA GLY A 193 -8.44 -4.09 -8.53
C GLY A 193 -9.77 -3.76 -9.18
N ILE A 194 -9.73 -3.28 -10.42
CA ILE A 194 -10.94 -2.90 -11.14
C ILE A 194 -10.59 -2.76 -12.62
N ARG A 195 -11.58 -2.93 -13.49
CA ARG A 195 -11.35 -2.77 -14.92
C ARG A 195 -10.92 -1.35 -15.23
N ILE A 196 -9.92 -1.23 -16.10
CA ILE A 196 -9.50 0.09 -16.57
C ILE A 196 -10.66 0.80 -17.25
N SER A 197 -11.53 0.04 -17.93
CA SER A 197 -12.72 0.61 -18.53
C SER A 197 -13.73 1.10 -17.49
N ASP A 198 -13.64 0.61 -16.25
CA ASP A 198 -14.61 0.96 -15.22
C ASP A 198 -14.13 2.06 -14.30
N GLN A 199 -13.00 2.70 -14.59
CA GLN A 199 -12.44 3.76 -13.76
CA GLN A 199 -12.53 3.79 -13.76
C GLN A 199 -12.14 4.98 -14.61
N GLN A 200 -11.91 6.10 -13.93
CA GLN A 200 -11.79 7.40 -14.59
C GLN A 200 -10.36 7.91 -14.74
N PHE A 201 -9.51 7.73 -13.72
CA PHE A 201 -8.26 8.49 -13.66
C PHE A 201 -7.28 8.06 -14.74
N PHE A 202 -6.99 6.76 -14.82
CA PHE A 202 -6.04 6.27 -15.81
C PHE A 202 -6.67 6.20 -17.20
N GLN A 208 -10.79 -4.15 -28.51
CA GLN A 208 -10.88 -5.30 -27.61
C GLN A 208 -11.70 -4.95 -26.37
N ARG A 209 -12.76 -5.72 -26.13
CA ARG A 209 -13.56 -5.55 -24.93
C ARG A 209 -12.77 -6.07 -23.72
N GLU A 210 -12.58 -5.22 -22.73
CA GLU A 210 -11.79 -5.60 -21.57
C GLU A 210 -12.54 -6.64 -20.74
N PRO A 211 -11.89 -7.74 -20.36
CA PRO A 211 -12.58 -8.76 -19.58
C PRO A 211 -12.87 -8.29 -18.15
N VAL A 212 -13.80 -8.98 -17.50
CA VAL A 212 -14.13 -8.65 -16.13
C VAL A 212 -12.94 -8.96 -15.23
N ILE A 213 -12.79 -8.16 -14.18
CA ILE A 213 -11.77 -8.43 -13.16
C ILE A 213 -12.33 -9.45 -12.20
N LYS A 214 -11.65 -10.58 -12.06
CA LYS A 214 -12.11 -11.66 -11.21
C LYS A 214 -11.48 -11.56 -9.82
N GLU A 215 -11.78 -12.55 -8.99
CA GLU A 215 -11.27 -12.59 -7.63
C GLU A 215 -9.75 -12.57 -7.63
N ASN A 216 -9.19 -11.66 -6.82
CA ASN A 216 -7.77 -11.45 -6.59
C ASN A 216 -7.04 -10.84 -7.79
N GLU A 217 -7.73 -10.49 -8.88
CA GLU A 217 -7.06 -9.91 -10.03
C GLU A 217 -6.89 -8.41 -9.89
N ALA A 218 -5.87 -7.88 -10.54
CA ALA A 218 -5.56 -6.45 -10.46
C ALA A 218 -4.72 -6.07 -11.67
N TYR A 219 -4.61 -4.77 -11.90
CA TYR A 219 -3.62 -4.23 -12.82
C TYR A 219 -2.51 -3.56 -12.01
N MET A 220 -1.27 -3.98 -12.25
CA MET A 220 -0.10 -3.24 -11.77
CA MET A 220 -0.13 -3.22 -11.75
C MET A 220 0.17 -2.09 -12.71
N VAL A 221 0.22 -0.86 -12.18
CA VAL A 221 0.39 0.32 -13.01
C VAL A 221 1.65 1.06 -12.57
N ALA A 222 2.47 1.43 -13.54
CA ALA A 222 3.71 2.16 -13.32
C ALA A 222 4.24 2.61 -14.67
N ASN A 223 4.80 3.82 -14.73
CA ASN A 223 5.53 4.30 -15.89
C ASN A 223 4.64 4.33 -17.14
N GLN A 224 3.41 4.81 -16.99
CA GLN A 224 2.45 4.92 -18.08
C GLN A 224 2.20 3.58 -18.77
N ALA A 225 2.31 2.49 -18.01
CA ALA A 225 2.07 1.14 -18.52
C ALA A 225 1.38 0.32 -17.45
N TYR A 226 0.71 -0.75 -17.87
CA TYR A 226 0.01 -1.62 -16.93
C TYR A 226 0.24 -3.08 -17.31
N GLN A 227 0.03 -3.96 -16.33
CA GLN A 227 0.12 -5.41 -16.53
C GLN A 227 -0.93 -6.07 -15.65
N LYS A 228 -1.72 -6.98 -16.22
CA LYS A 228 -2.72 -7.69 -15.44
C LYS A 228 -2.02 -8.76 -14.60
N ILE A 229 -2.40 -8.85 -13.33
CA ILE A 229 -1.78 -9.79 -12.38
C ILE A 229 -2.89 -10.46 -11.59
N ARG A 230 -2.51 -11.49 -10.84
CA ARG A 230 -3.37 -12.06 -9.81
C ARG A 230 -2.59 -12.04 -8.51
N TRP A 231 -3.22 -11.52 -7.45
CA TRP A 231 -2.63 -11.60 -6.12
C TRP A 231 -2.62 -13.05 -5.65
N PHE A 232 -1.60 -13.38 -4.84
CA PHE A 232 -1.57 -14.68 -4.20
C PHE A 232 -2.82 -14.91 -3.36
N LYS A 233 -3.23 -16.17 -3.26
CA LYS A 233 -4.35 -16.58 -2.45
C LYS A 233 -3.90 -16.82 -1.01
C1 GOL B . -6.62 -8.91 -3.78
O1 GOL B . -7.61 -9.80 -3.37
C2 GOL B . -7.09 -8.33 -5.12
O2 GOL B . -8.47 -8.27 -5.22
C3 GOL B . -6.43 -6.98 -5.22
O3 GOL B . -7.12 -6.27 -6.20
#